data_6OWN
#
_entry.id   6OWN
#
_cell.length_a   64.050
_cell.length_b   56.914
_cell.length_c   64.727
_cell.angle_alpha   90.000
_cell.angle_beta   106.600
_cell.angle_gamma   90.000
#
_symmetry.space_group_name_H-M   'P 1 21 1'
#
loop_
_entity.id
_entity.type
_entity.pdbx_description
1 polymer 'Replicative DNA helicase'
2 non-polymer 'ZINC ION'
3 water water
#
_entity_poly.entity_id   1
_entity_poly.type   'polypeptide(L)'
_entity_poly.pdbx_seq_one_letter_code
;ALALDTPLPTPSGWTTMGDVAVGDHLLGPDGEPTRVVADTDVMLGRPCYVVEFSDGTAIVADAQHQWPTEHGVRITANLR
AGMHTVVSASGGRGGTALLAPAVQITAVRRRPSVPVRCVEVDNPEHLYLAGPGMVPTHN
;
_entity_poly.pdbx_strand_id   A,B,C
#
# COMPACT_ATOMS: atom_id res chain seq x y z
N ALA A 1 9.40 -5.15 -1.49
CA ALA A 1 10.02 -3.83 -1.54
C ALA A 1 10.69 -3.42 -2.87
N LEU A 2 11.29 -4.35 -3.65
CA LEU A 2 11.82 -3.99 -4.97
C LEU A 2 11.05 -4.70 -6.08
N ALA A 3 10.97 -4.07 -7.25
CA ALA A 3 10.30 -4.70 -8.38
C ALA A 3 10.96 -6.02 -8.73
N LEU A 4 10.15 -6.97 -9.22
CA LEU A 4 10.62 -8.34 -9.44
C LEU A 4 11.69 -8.43 -10.52
N ASP A 5 11.67 -7.54 -11.49
CA ASP A 5 12.67 -7.60 -12.55
C ASP A 5 13.93 -6.82 -12.20
N THR A 6 14.08 -6.37 -10.95
CA THR A 6 15.31 -5.73 -10.54
C THR A 6 16.44 -6.76 -10.55
N PRO A 7 17.50 -6.56 -11.32
CA PRO A 7 18.64 -7.48 -11.26
C PRO A 7 19.45 -7.26 -9.98
N LEU A 8 19.94 -8.36 -9.42
CA LEU A 8 20.78 -8.33 -8.22
C LEU A 8 22.02 -9.18 -8.48
N PRO A 9 23.22 -8.70 -8.18
CA PRO A 9 24.41 -9.53 -8.40
C PRO A 9 24.51 -10.62 -7.34
N THR A 10 25.19 -11.70 -7.73
CA THR A 10 25.38 -12.90 -6.91
C THR A 10 26.80 -13.39 -7.10
N PRO A 11 27.29 -14.27 -6.22
CA PRO A 11 28.64 -14.82 -6.41
C PRO A 11 28.80 -15.61 -7.70
N SER A 12 27.70 -16.05 -8.31
CA SER A 12 27.79 -16.73 -9.59
C SER A 12 27.49 -15.82 -10.77
N GLY A 13 27.01 -14.60 -10.52
CA GLY A 13 26.66 -13.70 -11.60
C GLY A 13 25.48 -12.80 -11.24
N TRP A 14 24.30 -13.11 -11.76
CA TRP A 14 23.12 -12.28 -11.60
C TRP A 14 21.88 -13.13 -11.31
N THR A 15 20.96 -12.56 -10.54
CA THR A 15 19.61 -13.07 -10.35
C THR A 15 18.66 -11.86 -10.40
N THR A 16 17.41 -12.05 -10.03
CA THR A 16 16.47 -10.95 -9.90
C THR A 16 15.76 -11.06 -8.56
N MET A 17 15.11 -9.96 -8.18
CA MET A 17 14.31 -9.99 -6.96
C MET A 17 13.17 -11.00 -7.08
N GLY A 18 12.74 -11.27 -8.31
CA GLY A 18 11.68 -12.25 -8.52
C GLY A 18 12.14 -13.68 -8.31
N ASP A 19 13.42 -13.97 -8.60
CA ASP A 19 13.98 -15.32 -8.61
C ASP A 19 14.75 -15.70 -7.35
N VAL A 20 15.31 -14.73 -6.62
CA VAL A 20 16.22 -15.07 -5.53
C VAL A 20 15.45 -15.80 -4.42
N ALA A 21 16.09 -16.81 -3.85
CA ALA A 21 15.46 -17.66 -2.85
C ALA A 21 16.22 -17.60 -1.53
N VAL A 22 15.51 -17.87 -0.44
CA VAL A 22 16.18 -18.00 0.85
C VAL A 22 17.24 -19.09 0.74
N GLY A 23 18.42 -18.83 1.28
CA GLY A 23 19.54 -19.71 1.14
C GLY A 23 20.47 -19.38 -0.01
N ASP A 24 19.96 -18.67 -1.03
CA ASP A 24 20.84 -18.10 -2.03
C ASP A 24 21.75 -17.06 -1.38
N HIS A 25 22.73 -16.59 -2.16
CA HIS A 25 23.64 -15.54 -1.74
C HIS A 25 23.56 -14.35 -2.69
N LEU A 26 23.50 -13.16 -2.12
CA LEU A 26 23.67 -11.90 -2.82
C LEU A 26 25.07 -11.37 -2.52
N LEU A 27 25.32 -10.09 -2.82
CA LEU A 27 26.59 -9.44 -2.53
C LEU A 27 26.37 -8.37 -1.48
N GLY A 28 27.24 -8.36 -0.46
CA GLY A 28 27.15 -7.41 0.62
C GLY A 28 27.81 -6.09 0.30
N PRO A 29 27.96 -5.22 1.31
CA PRO A 29 28.44 -3.86 1.03
C PRO A 29 29.89 -3.81 0.57
N ASP A 30 30.66 -4.87 0.83
CA ASP A 30 32.02 -4.99 0.35
C ASP A 30 32.12 -5.89 -0.88
N GLY A 31 31.00 -6.26 -1.49
CA GLY A 31 31.04 -7.15 -2.63
C GLY A 31 31.19 -8.61 -2.32
N GLU A 32 31.35 -8.98 -1.06
CA GLU A 32 31.48 -10.39 -0.70
C GLU A 32 30.11 -11.05 -0.57
N PRO A 33 30.04 -12.37 -0.73
CA PRO A 33 28.74 -13.06 -0.65
C PRO A 33 28.08 -12.83 0.71
N THR A 34 26.76 -12.65 0.68
CA THR A 34 25.97 -12.47 1.89
C THR A 34 24.68 -13.28 1.73
N ARG A 35 24.34 -14.06 2.76
CA ARG A 35 23.25 -15.04 2.63
C ARG A 35 21.88 -14.39 2.80
N VAL A 36 20.93 -14.83 2.00
CA VAL A 36 19.53 -14.44 2.15
C VAL A 36 18.92 -15.39 3.18
N VAL A 37 18.40 -14.83 4.27
CA VAL A 37 17.90 -15.64 5.40
C VAL A 37 16.39 -15.52 5.58
N ALA A 38 15.71 -14.68 4.79
CA ALA A 38 14.29 -14.45 4.94
C ALA A 38 13.81 -13.63 3.75
N ASP A 39 12.52 -13.76 3.42
CA ASP A 39 11.96 -13.00 2.32
C ASP A 39 10.50 -12.67 2.59
N THR A 40 9.89 -11.96 1.66
CA THR A 40 8.46 -11.76 1.59
C THR A 40 7.89 -12.55 0.42
N ASP A 41 6.58 -12.72 0.42
CA ASP A 41 5.88 -13.09 -0.79
C ASP A 41 6.05 -11.99 -1.85
N VAL A 42 5.66 -12.29 -3.08
CA VAL A 42 5.36 -11.24 -4.04
C VAL A 42 4.16 -10.45 -3.51
N MET A 43 4.30 -9.13 -3.44
CA MET A 43 3.27 -8.27 -2.87
C MET A 43 2.70 -7.34 -3.94
N LEU A 44 1.38 -7.17 -3.94
CA LEU A 44 0.69 -6.40 -4.97
C LEU A 44 0.07 -5.13 -4.39
N GLY A 45 -0.15 -4.15 -5.26
CA GLY A 45 -0.85 -2.94 -4.88
C GLY A 45 -0.08 -1.95 -4.03
N ARG A 46 1.20 -2.19 -3.76
CA ARG A 46 1.96 -1.23 -2.98
C ARG A 46 2.27 0.01 -3.81
N PRO A 47 2.40 1.18 -3.17
CA PRO A 47 2.75 2.39 -3.93
C PRO A 47 4.20 2.32 -4.37
N CYS A 48 4.43 2.49 -5.67
CA CYS A 48 5.76 2.26 -6.22
C CYS A 48 6.39 3.57 -6.68
N TYR A 49 7.72 3.52 -6.78
CA TYR A 49 8.56 4.66 -7.15
C TYR A 49 9.65 4.17 -8.08
N VAL A 50 10.10 5.05 -8.96
CA VAL A 50 11.36 4.91 -9.67
C VAL A 50 12.40 5.79 -8.97
N VAL A 51 13.54 5.21 -8.65
CA VAL A 51 14.68 5.95 -8.12
C VAL A 51 15.74 5.94 -9.22
N GLU A 52 16.12 7.12 -9.69
CA GLU A 52 17.14 7.26 -10.71
C GLU A 52 18.47 7.68 -10.07
N PHE A 53 19.57 7.08 -10.55
CA PHE A 53 20.88 7.28 -9.97
C PHE A 53 21.85 7.89 -10.97
N SER A 54 22.89 8.53 -10.42
CA SER A 54 23.90 9.22 -11.21
C SER A 54 24.77 8.28 -12.02
N ASP A 55 24.81 6.99 -11.71
CA ASP A 55 25.56 6.06 -12.55
C ASP A 55 24.77 5.63 -13.78
N GLY A 56 23.64 6.27 -14.06
CA GLY A 56 22.84 5.90 -15.21
C GLY A 56 21.94 4.70 -15.00
N THR A 57 21.67 4.32 -13.76
CA THR A 57 20.80 3.17 -13.53
C THR A 57 19.56 3.62 -12.74
N ALA A 58 18.58 2.74 -12.67
CA ALA A 58 17.33 3.07 -12.00
C ALA A 58 16.77 1.81 -11.37
N ILE A 59 16.10 1.99 -10.22
CA ILE A 59 15.50 0.88 -9.49
C ILE A 59 14.06 1.26 -9.11
N VAL A 60 13.12 0.34 -9.36
CA VAL A 60 11.75 0.51 -8.89
C VAL A 60 11.63 -0.11 -7.50
N ALA A 61 11.13 0.67 -6.54
CA ALA A 61 10.98 0.21 -5.16
C ALA A 61 9.65 0.70 -4.61
N ASP A 62 9.14 0.02 -3.58
CA ASP A 62 7.92 0.54 -2.96
C ASP A 62 8.27 1.64 -1.95
N ALA A 63 7.22 2.28 -1.44
CA ALA A 63 7.37 3.49 -0.62
C ALA A 63 8.24 3.25 0.61
N GLN A 64 8.13 2.07 1.21
CA GLN A 64 8.75 1.75 2.49
C GLN A 64 10.08 1.01 2.37
N HIS A 65 10.57 0.77 1.16
CA HIS A 65 11.91 0.21 1.02
C HIS A 65 12.94 1.17 1.62
N GLN A 66 13.96 0.63 2.26
CA GLN A 66 14.93 1.42 3.03
C GLN A 66 16.25 1.52 2.28
N TRP A 67 16.88 2.70 2.36
CA TRP A 67 18.09 3.08 1.67
C TRP A 67 19.08 3.67 2.65
N PRO A 68 20.35 3.29 2.55
CA PRO A 68 21.39 3.87 3.42
C PRO A 68 21.95 5.15 2.84
N THR A 69 21.54 6.29 3.41
CA THR A 69 22.03 7.58 2.94
C THR A 69 23.01 8.21 3.94
N GLU A 70 23.61 9.32 3.51
CA GLU A 70 24.53 10.05 4.39
C GLU A 70 23.83 10.62 5.61
N HIS A 71 22.52 10.76 5.56
CA HIS A 71 21.72 11.19 6.69
C HIS A 71 21.19 10.02 7.52
N GLY A 72 21.59 8.80 7.19
CA GLY A 72 21.04 7.62 7.81
C GLY A 72 20.07 6.91 6.88
N VAL A 73 19.35 5.95 7.45
CA VAL A 73 18.40 5.16 6.70
C VAL A 73 17.20 6.04 6.33
N ARG A 74 16.84 6.05 5.04
CA ARG A 74 15.64 6.73 4.59
C ARG A 74 14.78 5.77 3.78
N ILE A 75 13.46 5.86 3.93
CA ILE A 75 12.58 5.08 3.07
C ILE A 75 12.40 5.81 1.74
N THR A 76 12.03 5.03 0.70
CA THR A 76 11.91 5.59 -0.65
C THR A 76 11.08 6.87 -0.67
N ALA A 77 9.97 6.87 0.07
CA ALA A 77 9.05 8.01 0.12
C ALA A 77 9.69 9.26 0.72
N ASN A 78 10.89 9.16 1.27
CA ASN A 78 11.60 10.28 1.86
C ASN A 78 12.89 10.62 1.14
N LEU A 79 13.25 9.84 0.12
CA LEU A 79 14.43 10.15 -0.67
C LEU A 79 14.25 11.49 -1.37
N ARG A 80 15.36 12.20 -1.54
CA ARG A 80 15.36 13.44 -2.30
C ARG A 80 16.57 13.45 -3.21
N ALA A 81 16.42 14.00 -4.40
CA ALA A 81 17.56 14.17 -5.28
C ALA A 81 18.64 14.95 -4.54
N GLY A 82 19.90 14.57 -4.77
CA GLY A 82 21.02 15.11 -4.05
C GLY A 82 21.58 14.16 -3.01
N MET A 83 20.75 13.32 -2.42
CA MET A 83 21.24 12.33 -1.47
C MET A 83 22.09 11.28 -2.19
N HIS A 84 22.88 10.55 -1.40
CA HIS A 84 23.70 9.45 -1.89
C HIS A 84 23.33 8.18 -1.14
N THR A 85 23.60 7.03 -1.75
CA THR A 85 23.47 5.74 -1.09
C THR A 85 24.87 5.24 -0.77
N VAL A 86 25.17 5.09 0.52
CA VAL A 86 26.53 4.85 1.00
C VAL A 86 26.55 3.56 1.82
N VAL A 87 27.78 3.07 2.05
CA VAL A 87 27.98 1.87 2.86
C VAL A 87 28.60 2.17 4.22
N SER A 88 29.06 3.40 4.46
CA SER A 88 29.63 3.77 5.76
C SER A 88 29.58 5.27 5.96
N PRO A 101 33.53 6.43 -4.97
CA PRO A 101 32.60 7.55 -5.16
C PRO A 101 31.15 7.10 -5.00
N ALA A 102 30.49 7.51 -3.92
CA ALA A 102 29.13 7.06 -3.66
C ALA A 102 28.19 7.53 -4.76
N VAL A 103 27.35 6.63 -5.24
CA VAL A 103 26.37 6.97 -6.26
C VAL A 103 25.37 7.97 -5.67
N GLN A 104 24.93 8.91 -6.50
CA GLN A 104 23.98 9.94 -6.08
C GLN A 104 22.60 9.69 -6.68
N ILE A 105 21.57 9.93 -5.88
CA ILE A 105 20.19 9.91 -6.36
C ILE A 105 19.93 11.18 -7.15
N THR A 106 19.52 11.04 -8.40
CA THR A 106 19.25 12.22 -9.21
C THR A 106 17.76 12.53 -9.36
N ALA A 107 16.87 11.56 -9.17
CA ALA A 107 15.45 11.84 -9.22
C ALA A 107 14.68 10.72 -8.52
N VAL A 108 13.50 11.06 -8.03
CA VAL A 108 12.56 10.13 -7.41
C VAL A 108 11.16 10.53 -7.83
N ARG A 109 10.39 9.59 -8.37
CA ARG A 109 9.01 9.90 -8.70
C ARG A 109 8.16 8.65 -8.54
N ARG A 110 6.86 8.87 -8.34
CA ARG A 110 5.91 7.76 -8.30
C ARG A 110 5.75 7.13 -9.67
N ARG A 111 5.40 5.85 -9.67
CA ARG A 111 5.07 5.14 -10.90
C ARG A 111 3.97 4.13 -10.57
N PRO A 112 3.22 3.66 -11.58
CA PRO A 112 2.13 2.73 -11.29
C PRO A 112 2.64 1.46 -10.60
N SER A 113 1.82 0.97 -9.66
CA SER A 113 2.17 -0.18 -8.84
C SER A 113 2.56 -1.39 -9.68
N VAL A 114 3.63 -2.04 -9.29
CA VAL A 114 4.02 -3.34 -9.85
C VAL A 114 4.24 -4.30 -8.69
N PRO A 115 4.30 -5.60 -8.97
CA PRO A 115 4.67 -6.56 -7.92
C PRO A 115 6.07 -6.28 -7.37
N VAL A 116 6.20 -6.36 -6.05
CA VAL A 116 7.47 -6.14 -5.38
C VAL A 116 7.71 -7.26 -4.39
N ARG A 117 8.94 -7.30 -3.86
CA ARG A 117 9.36 -8.36 -2.93
C ARG A 117 10.61 -7.87 -2.21
N CYS A 118 10.75 -8.26 -0.94
CA CYS A 118 11.91 -7.90 -0.15
C CYS A 118 12.64 -9.16 0.28
N VAL A 119 13.92 -9.01 0.63
CA VAL A 119 14.72 -10.08 1.21
C VAL A 119 15.54 -9.49 2.35
N GLU A 120 15.96 -10.36 3.25
CA GLU A 120 16.84 -10.00 4.37
C GLU A 120 18.12 -10.81 4.26
N VAL A 121 19.25 -10.15 4.50
CA VAL A 121 20.57 -10.77 4.43
C VAL A 121 21.26 -10.65 5.79
N ASP A 122 22.32 -11.44 5.99
CA ASP A 122 22.87 -11.57 7.34
C ASP A 122 24.25 -10.91 7.54
N ASN A 123 24.62 -9.90 6.72
CA ASN A 123 25.84 -9.20 7.14
C ASN A 123 25.49 -8.11 8.14
N PRO A 124 26.45 -7.67 8.98
CA PRO A 124 26.10 -6.76 10.09
C PRO A 124 25.52 -5.42 9.66
N GLU A 125 25.75 -4.99 8.43
CA GLU A 125 25.16 -3.75 7.94
C GLU A 125 23.80 -3.96 7.30
N HIS A 126 23.41 -5.22 7.08
CA HIS A 126 22.12 -5.57 6.51
C HIS A 126 21.88 -4.88 5.16
N LEU A 127 22.91 -4.91 4.32
CA LEU A 127 22.90 -4.27 3.02
C LEU A 127 23.21 -5.29 1.94
N TYR A 128 22.62 -5.09 0.76
CA TYR A 128 22.95 -5.87 -0.42
C TYR A 128 23.01 -4.94 -1.63
N LEU A 129 23.69 -5.39 -2.67
CA LEU A 129 23.82 -4.60 -3.89
C LEU A 129 22.65 -4.89 -4.82
N ALA A 130 22.18 -3.86 -5.53
CA ALA A 130 20.98 -3.96 -6.34
C ALA A 130 21.17 -3.18 -7.62
N GLY A 131 20.48 -3.62 -8.68
CA GLY A 131 20.51 -2.96 -9.96
C GLY A 131 21.77 -3.23 -10.75
N PRO A 132 21.75 -2.88 -12.03
CA PRO A 132 22.96 -3.09 -12.84
C PRO A 132 24.14 -2.27 -12.37
N GLY A 133 23.91 -1.20 -11.60
CA GLY A 133 24.99 -0.44 -11.01
C GLY A 133 25.50 -0.93 -9.68
N MET A 134 24.88 -1.97 -9.11
CA MET A 134 25.31 -2.56 -7.84
C MET A 134 25.30 -1.53 -6.72
N VAL A 135 24.19 -0.81 -6.62
CA VAL A 135 23.98 0.24 -5.63
C VAL A 135 23.66 -0.39 -4.27
N PRO A 136 24.19 0.15 -3.17
CA PRO A 136 23.86 -0.42 -1.86
C PRO A 136 22.42 -0.12 -1.47
N THR A 137 21.75 -1.11 -0.90
CA THR A 137 20.39 -0.89 -0.42
C THR A 137 20.19 -1.75 0.83
N HIS A 138 19.18 -1.38 1.62
CA HIS A 138 18.99 -1.93 2.94
C HIS A 138 17.87 -2.96 2.91
N ASN A 139 18.02 -4.05 3.68
CA ASN A 139 17.02 -5.11 3.61
C ASN A 139 15.75 -4.77 4.40
N ALA B 1 -8.33 25.58 4.96
CA ALA B 1 -9.29 24.50 5.06
C ALA B 1 -8.75 23.22 5.69
N LEU B 2 -7.52 22.80 5.40
CA LEU B 2 -6.90 21.67 6.09
C LEU B 2 -5.71 22.15 6.93
N ALA B 3 -5.44 21.42 8.01
CA ALA B 3 -4.27 21.73 8.84
C ALA B 3 -2.99 21.64 8.01
N LEU B 4 -2.03 22.48 8.37
CA LEU B 4 -0.82 22.65 7.57
C LEU B 4 0.02 21.38 7.55
N ASP B 5 -0.01 20.58 8.62
CA ASP B 5 0.75 19.35 8.65
C ASP B 5 0.00 18.19 8.03
N THR B 6 -1.12 18.43 7.36
CA THR B 6 -1.81 17.33 6.65
C THR B 6 -0.91 16.87 5.50
N PRO B 7 -0.53 15.60 5.43
CA PRO B 7 0.23 15.13 4.28
C PRO B 7 -0.65 14.99 3.04
N LEU B 8 -0.12 15.41 1.89
CA LEU B 8 -0.80 15.27 0.61
C LEU B 8 0.11 14.52 -0.38
N PRO B 9 -0.38 13.47 -1.04
CA PRO B 9 0.47 12.78 -2.03
C PRO B 9 0.61 13.59 -3.30
N THR B 10 1.74 13.40 -3.98
CA THR B 10 2.13 14.11 -5.18
C THR B 10 2.76 13.14 -6.17
N PRO B 11 2.89 13.53 -7.44
CA PRO B 11 3.58 12.64 -8.40
C PRO B 11 5.03 12.34 -8.06
N SER B 12 5.66 13.14 -7.22
CA SER B 12 7.01 12.83 -6.75
C SER B 12 7.04 12.08 -5.44
N GLY B 13 5.93 12.09 -4.68
CA GLY B 13 5.92 11.47 -3.38
C GLY B 13 4.91 12.10 -2.43
N TRP B 14 5.40 12.93 -1.52
CA TRP B 14 4.54 13.58 -0.54
C TRP B 14 4.92 15.03 -0.36
N THR B 15 3.91 15.86 -0.09
CA THR B 15 4.07 17.22 0.43
C THR B 15 3.13 17.39 1.62
N THR B 16 2.96 18.62 2.10
CA THR B 16 1.97 18.94 3.12
C THR B 16 1.16 20.14 2.67
N MET B 17 0.00 20.34 3.32
CA MET B 17 -0.78 21.53 3.01
C MET B 17 0.01 22.80 3.33
N GLY B 18 0.90 22.73 4.32
CA GLY B 18 1.75 23.88 4.62
C GLY B 18 2.72 24.19 3.51
N ASP B 19 3.22 23.17 2.82
CA ASP B 19 4.34 23.34 1.89
C ASP B 19 3.91 23.44 0.44
N VAL B 20 2.75 22.90 0.07
CA VAL B 20 2.37 22.89 -1.34
C VAL B 20 2.27 24.32 -1.87
N ALA B 21 2.50 24.48 -3.17
CA ALA B 21 2.48 25.80 -3.79
C ALA B 21 1.72 25.75 -5.10
N VAL B 22 1.22 26.92 -5.50
CA VAL B 22 0.57 27.03 -6.81
C VAL B 22 1.58 26.62 -7.88
N GLY B 23 1.10 25.83 -8.84
CA GLY B 23 1.94 25.25 -9.85
C GLY B 23 2.41 23.85 -9.54
N ASP B 24 2.41 23.46 -8.27
CA ASP B 24 2.70 22.08 -7.91
C ASP B 24 1.58 21.18 -8.40
N HIS B 25 1.80 19.88 -8.25
CA HIS B 25 0.81 18.88 -8.61
C HIS B 25 0.48 18.02 -7.40
N LEU B 26 -0.82 17.84 -7.16
CA LEU B 26 -1.36 16.87 -6.24
C LEU B 26 -1.86 15.69 -7.06
N LEU B 27 -2.57 14.76 -6.43
CA LEU B 27 -3.21 13.65 -7.14
C LEU B 27 -4.72 13.86 -7.14
N GLY B 28 -5.36 13.55 -8.27
CA GLY B 28 -6.79 13.70 -8.41
C GLY B 28 -7.53 12.43 -8.08
N PRO B 29 -8.84 12.37 -8.38
CA PRO B 29 -9.65 11.24 -7.91
C PRO B 29 -9.27 9.91 -8.54
N ASP B 30 -8.50 9.91 -9.61
CA ASP B 30 -8.05 8.68 -10.26
C ASP B 30 -6.59 8.38 -9.97
N GLY B 31 -5.96 9.13 -9.06
CA GLY B 31 -4.54 8.95 -8.78
C GLY B 31 -3.60 9.62 -9.74
N GLU B 32 -4.11 10.28 -10.79
CA GLU B 32 -3.27 10.95 -11.79
C GLU B 32 -2.97 12.38 -11.34
N PRO B 33 -1.85 12.94 -11.81
CA PRO B 33 -1.49 14.31 -11.42
C PRO B 33 -2.59 15.31 -11.70
N THR B 34 -2.73 16.28 -10.81
CA THR B 34 -3.66 17.38 -11.01
C THR B 34 -3.01 18.65 -10.47
N ARG B 35 -3.15 19.75 -11.21
CA ARG B 35 -2.36 20.95 -10.95
C ARG B 35 -3.04 21.85 -9.93
N VAL B 36 -2.26 22.39 -9.00
CA VAL B 36 -2.73 23.36 -8.03
C VAL B 36 -2.72 24.73 -8.71
N VAL B 37 -3.91 25.26 -8.99
CA VAL B 37 -4.03 26.51 -9.74
C VAL B 37 -4.27 27.72 -8.85
N ALA B 38 -4.56 27.53 -7.56
CA ALA B 38 -4.78 28.64 -6.65
C ALA B 38 -4.68 28.14 -5.22
N ASP B 39 -4.51 29.05 -4.28
CA ASP B 39 -4.44 28.68 -2.89
C ASP B 39 -4.93 29.84 -2.03
N THR B 40 -5.05 29.58 -0.74
CA THR B 40 -5.26 30.61 0.25
C THR B 40 -3.97 30.87 0.99
N ASP B 41 -3.95 31.92 1.78
CA ASP B 41 -2.88 32.06 2.73
C ASP B 41 -3.21 31.25 3.98
N VAL B 42 -2.25 31.20 4.91
CA VAL B 42 -2.52 30.55 6.19
C VAL B 42 -3.60 31.34 6.92
N MET B 43 -4.60 30.63 7.44
CA MET B 43 -5.71 31.26 8.16
C MET B 43 -5.68 30.79 9.62
N LEU B 44 -5.83 31.74 10.53
CA LEU B 44 -5.76 31.47 11.97
C LEU B 44 -7.13 31.68 12.60
N GLY B 45 -7.34 31.01 13.74
CA GLY B 45 -8.58 31.16 14.48
C GLY B 45 -9.80 30.53 13.86
N ARG B 46 -9.64 29.69 12.85
CA ARG B 46 -10.83 29.05 12.30
C ARG B 46 -11.28 27.89 13.20
N PRO B 47 -12.59 27.63 13.27
CA PRO B 47 -13.07 26.46 14.02
C PRO B 47 -12.67 25.17 13.34
N CYS B 48 -12.02 24.27 14.08
CA CYS B 48 -11.42 23.09 13.49
C CYS B 48 -12.06 21.81 14.01
N TYR B 49 -11.88 20.77 13.23
CA TYR B 49 -12.48 19.45 13.43
C TYR B 49 -11.44 18.38 13.12
N VAL B 50 -11.58 17.23 13.80
CA VAL B 50 -10.96 15.98 13.39
C VAL B 50 -12.02 15.14 12.69
N VAL B 51 -11.71 14.69 11.49
CA VAL B 51 -12.53 13.76 10.76
C VAL B 51 -11.79 12.43 10.77
N GLU B 52 -12.43 11.39 11.30
CA GLU B 52 -11.84 10.06 11.39
C GLU B 52 -12.44 9.13 10.33
N PHE B 53 -11.57 8.35 9.67
CA PHE B 53 -11.98 7.51 8.55
C PHE B 53 -11.80 6.03 8.87
N SER B 54 -12.59 5.21 8.17
CA SER B 54 -12.60 3.76 8.37
C SER B 54 -11.32 3.09 7.91
N ASP B 55 -10.46 3.79 7.16
CA ASP B 55 -9.18 3.19 6.79
C ASP B 55 -8.12 3.39 7.86
N GLY B 56 -8.48 3.99 8.99
CA GLY B 56 -7.53 4.17 10.06
C GLY B 56 -6.75 5.47 9.99
N THR B 57 -7.16 6.42 9.16
CA THR B 57 -6.52 7.72 9.13
C THR B 57 -7.49 8.79 9.59
N ALA B 58 -6.94 10.00 9.74
CA ALA B 58 -7.67 11.13 10.28
C ALA B 58 -7.13 12.39 9.65
N ILE B 59 -8.01 13.35 9.39
CA ILE B 59 -7.62 14.64 8.81
C ILE B 59 -8.24 15.74 9.66
N VAL B 60 -7.45 16.75 9.96
CA VAL B 60 -7.94 17.95 10.67
C VAL B 60 -8.30 19.01 9.64
N ALA B 61 -9.55 19.48 9.70
CA ALA B 61 -10.08 20.40 8.70
C ALA B 61 -10.82 21.53 9.40
N ASP B 62 -10.93 22.68 8.75
CA ASP B 62 -11.78 23.68 9.35
C ASP B 62 -13.23 23.44 8.95
N ALA B 63 -14.14 24.24 9.52
CA ALA B 63 -15.57 23.96 9.43
C ALA B 63 -16.09 24.04 8.00
N GLN B 64 -15.54 24.94 7.19
N GLN B 64 -15.54 24.94 7.19
CA GLN B 64 -16.07 25.19 5.86
CA GLN B 64 -16.07 25.20 5.85
C GLN B 64 -15.40 24.36 4.78
C GLN B 64 -15.34 24.42 4.77
N HIS B 65 -14.47 23.47 5.14
CA HIS B 65 -13.86 22.60 4.14
C HIS B 65 -14.92 21.66 3.59
N GLN B 66 -14.76 21.31 2.32
CA GLN B 66 -15.78 20.60 1.56
C GLN B 66 -15.36 19.16 1.30
N TRP B 67 -16.32 18.25 1.39
CA TRP B 67 -16.11 16.83 1.24
C TRP B 67 -17.14 16.27 0.25
N PRO B 68 -16.71 15.42 -0.68
CA PRO B 68 -17.66 14.80 -1.61
C PRO B 68 -18.32 13.56 -1.03
N THR B 69 -19.56 13.66 -0.60
CA THR B 69 -20.25 12.52 0.00
C THR B 69 -21.24 11.93 -1.00
N GLU B 70 -21.78 10.76 -0.62
CA GLU B 70 -22.80 10.11 -1.43
C GLU B 70 -24.03 11.01 -1.63
N HIS B 71 -24.27 11.92 -0.70
CA HIS B 71 -25.38 12.86 -0.81
C HIS B 71 -24.97 14.22 -1.34
N GLY B 72 -23.78 14.33 -1.94
CA GLY B 72 -23.31 15.59 -2.46
C GLY B 72 -22.24 16.21 -1.58
N VAL B 73 -21.93 17.48 -1.90
CA VAL B 73 -20.90 18.23 -1.19
C VAL B 73 -21.39 18.58 0.21
N ARG B 74 -20.61 18.21 1.23
CA ARG B 74 -20.93 18.56 2.61
C ARG B 74 -19.71 19.20 3.25
N ILE B 75 -19.92 20.29 3.97
CA ILE B 75 -18.83 20.92 4.70
C ILE B 75 -18.58 20.16 5.99
N THR B 76 -17.37 20.34 6.55
CA THR B 76 -16.97 19.60 7.74
C THR B 76 -18.02 19.73 8.86
N ALA B 77 -18.50 20.95 9.09
CA ALA B 77 -19.45 21.21 10.16
C ALA B 77 -20.77 20.46 9.98
N ASN B 78 -21.03 19.88 8.81
CA ASN B 78 -22.24 19.12 8.55
C ASN B 78 -21.99 17.63 8.37
N LEU B 79 -20.75 17.16 8.57
CA LEU B 79 -20.47 15.74 8.44
C LEU B 79 -20.96 14.99 9.66
N ARG B 80 -21.53 13.81 9.43
CA ARG B 80 -21.94 12.92 10.51
C ARG B 80 -21.29 11.56 10.30
N ALA B 81 -20.97 10.91 11.42
CA ALA B 81 -20.49 9.53 11.38
C ALA B 81 -21.44 8.66 10.58
N GLY B 82 -20.88 7.83 9.70
CA GLY B 82 -21.63 6.95 8.83
C GLY B 82 -21.61 7.38 7.37
N MET B 83 -21.42 8.66 7.09
CA MET B 83 -21.31 9.12 5.72
C MET B 83 -20.07 8.51 5.04
N HIS B 84 -20.05 8.58 3.72
CA HIS B 84 -18.93 8.10 2.91
C HIS B 84 -18.42 9.22 2.02
N THR B 85 -17.13 9.20 1.72
CA THR B 85 -16.57 10.07 0.69
C THR B 85 -16.44 9.27 -0.60
N VAL B 86 -16.86 9.88 -1.72
CA VAL B 86 -17.01 9.14 -2.97
C VAL B 86 -16.25 9.85 -4.08
N VAL B 87 -16.02 9.10 -5.17
CA VAL B 87 -15.48 9.65 -6.41
C VAL B 87 -16.47 9.35 -7.53
N SER B 88 -16.15 9.79 -8.74
CA SER B 88 -17.01 9.52 -9.89
C SER B 88 -16.41 8.41 -10.76
N LEU B 99 -20.36 8.30 -6.87
CA LEU B 99 -20.68 7.06 -7.58
C LEU B 99 -20.02 5.86 -6.91
N ALA B 100 -18.69 5.92 -6.77
CA ALA B 100 -17.93 4.84 -6.15
C ALA B 100 -17.47 5.26 -4.76
N PRO B 101 -17.83 4.52 -3.72
CA PRO B 101 -17.39 4.89 -2.37
C PRO B 101 -15.90 4.68 -2.20
N ALA B 102 -15.30 5.48 -1.32
CA ALA B 102 -13.86 5.40 -1.09
C ALA B 102 -13.51 5.11 0.36
N VAL B 103 -14.21 5.73 1.30
CA VAL B 103 -13.93 5.54 2.71
C VAL B 103 -15.15 6.03 3.48
N GLN B 104 -15.36 5.47 4.66
CA GLN B 104 -16.47 5.86 5.52
C GLN B 104 -15.96 6.78 6.62
N ILE B 105 -16.73 7.83 6.89
CA ILE B 105 -16.45 8.69 8.04
C ILE B 105 -16.97 7.99 9.28
N THR B 106 -16.08 7.71 10.22
CA THR B 106 -16.46 7.00 11.43
C THR B 106 -16.69 7.91 12.62
N ALA B 107 -16.12 9.12 12.62
CA ALA B 107 -16.37 10.08 13.67
C ALA B 107 -15.99 11.47 13.18
N VAL B 108 -16.59 12.48 13.78
CA VAL B 108 -16.29 13.89 13.54
C VAL B 108 -16.34 14.60 14.88
N ARG B 109 -15.31 15.37 15.22
CA ARG B 109 -15.41 16.11 16.48
C ARG B 109 -14.60 17.40 16.39
N ARG B 110 -15.03 18.40 17.14
CA ARG B 110 -14.26 19.65 17.18
C ARG B 110 -12.91 19.45 17.87
N ARG B 111 -11.96 20.30 17.52
CA ARG B 111 -10.67 20.28 18.19
C ARG B 111 -10.13 21.70 18.23
N PRO B 112 -9.23 22.02 19.16
CA PRO B 112 -8.73 23.39 19.24
C PRO B 112 -8.17 23.87 17.92
N SER B 113 -8.42 25.15 17.63
CA SER B 113 -8.10 25.74 16.34
C SER B 113 -6.60 25.61 16.05
N VAL B 114 -6.29 25.27 14.80
CA VAL B 114 -4.91 25.25 14.32
C VAL B 114 -4.88 26.02 12.99
N PRO B 115 -3.70 26.47 12.56
CA PRO B 115 -3.60 27.13 11.26
C PRO B 115 -4.00 26.18 10.13
N VAL B 116 -4.76 26.70 9.15
CA VAL B 116 -5.27 25.89 8.05
C VAL B 116 -5.06 26.65 6.75
N ARG B 117 -5.20 25.94 5.64
CA ARG B 117 -4.97 26.46 4.31
C ARG B 117 -5.73 25.60 3.30
N CYS B 118 -6.12 26.20 2.18
CA CYS B 118 -6.87 25.51 1.14
C CYS B 118 -6.15 25.68 -0.20
N VAL B 119 -6.46 24.78 -1.15
CA VAL B 119 -5.93 24.84 -2.50
C VAL B 119 -7.04 24.53 -3.50
N GLU B 120 -6.76 24.87 -4.77
CA GLU B 120 -7.66 24.62 -5.89
C GLU B 120 -6.91 23.80 -6.92
N VAL B 121 -7.56 22.74 -7.42
CA VAL B 121 -6.99 21.90 -8.47
C VAL B 121 -7.91 21.94 -9.69
N ASP B 122 -7.39 21.49 -10.84
CA ASP B 122 -8.05 21.73 -12.12
C ASP B 122 -8.60 20.48 -12.81
N ASN B 123 -8.81 19.39 -12.08
CA ASN B 123 -9.52 18.27 -12.69
C ASN B 123 -11.04 18.51 -12.64
N PRO B 124 -11.81 17.81 -13.49
CA PRO B 124 -13.24 18.14 -13.61
C PRO B 124 -14.03 17.93 -12.34
N GLU B 125 -13.68 16.96 -11.50
CA GLU B 125 -14.38 16.74 -10.26
C GLU B 125 -13.93 17.66 -9.13
N HIS B 126 -12.86 18.42 -9.35
CA HIS B 126 -12.35 19.35 -8.33
C HIS B 126 -11.99 18.65 -7.02
N LEU B 127 -11.39 17.46 -7.14
CA LEU B 127 -11.00 16.66 -5.98
C LEU B 127 -9.50 16.41 -5.98
N TYR B 128 -8.91 16.36 -4.79
CA TYR B 128 -7.54 15.88 -4.61
C TYR B 128 -7.51 14.90 -3.44
N LEU B 129 -6.44 14.11 -3.37
CA LEU B 129 -6.28 13.12 -2.31
C LEU B 129 -5.53 13.70 -1.13
N ALA B 130 -5.95 13.31 0.09
CA ALA B 130 -5.47 13.95 1.31
C ALA B 130 -5.22 12.90 2.39
N GLY B 131 -4.24 13.19 3.26
CA GLY B 131 -3.93 12.31 4.36
C GLY B 131 -3.16 11.08 3.95
N PRO B 132 -2.61 10.35 4.92
CA PRO B 132 -1.85 9.13 4.59
C PRO B 132 -2.69 8.03 3.92
N GLY B 133 -4.02 8.11 4.01
CA GLY B 133 -4.85 7.17 3.28
C GLY B 133 -5.20 7.60 1.88
N MET B 134 -4.79 8.80 1.46
CA MET B 134 -5.14 9.34 0.14
C MET B 134 -6.65 9.34 -0.07
N VAL B 135 -7.37 9.95 0.87
CA VAL B 135 -8.82 10.04 0.85
C VAL B 135 -9.25 11.20 -0.04
N PRO B 136 -10.32 11.07 -0.83
CA PRO B 136 -10.75 12.18 -1.68
C PRO B 136 -11.32 13.32 -0.88
N THR B 137 -11.02 14.55 -1.29
CA THR B 137 -11.61 15.72 -0.67
C THR B 137 -11.68 16.82 -1.72
N HIS B 138 -12.46 17.84 -1.44
CA HIS B 138 -12.93 18.78 -2.45
C HIS B 138 -12.21 20.13 -2.35
N ASN B 139 -12.06 20.79 -3.50
CA ASN B 139 -11.63 22.17 -3.61
C ASN B 139 -12.32 23.08 -2.61
N ALA C 1 -1.00 -15.16 0.25
CA ALA C 1 -1.44 -15.97 -0.87
C ALA C 1 -2.21 -17.21 -0.42
N LEU C 2 -3.10 -17.70 -1.27
CA LEU C 2 -3.99 -18.84 -0.98
C LEU C 2 -3.65 -20.01 -1.89
N ALA C 3 -3.96 -21.21 -1.40
CA ALA C 3 -3.75 -22.43 -2.17
C ALA C 3 -4.54 -22.38 -3.48
N LEU C 4 -3.93 -22.92 -4.54
CA LEU C 4 -4.52 -22.81 -5.87
C LEU C 4 -5.93 -23.40 -5.93
N ASP C 5 -6.19 -24.46 -5.19
CA ASP C 5 -7.51 -25.09 -5.22
C ASP C 5 -8.51 -24.41 -4.28
N THR C 6 -8.18 -23.25 -3.73
CA THR C 6 -9.14 -22.53 -2.89
C THR C 6 -10.32 -22.06 -3.75
N PRO C 7 -11.55 -22.44 -3.43
CA PRO C 7 -12.69 -21.94 -4.20
C PRO C 7 -12.99 -20.50 -3.84
N LEU C 8 -13.33 -19.72 -4.87
CA LEU C 8 -13.63 -18.30 -4.73
C LEU C 8 -14.96 -18.00 -5.39
N PRO C 9 -15.90 -17.39 -4.68
CA PRO C 9 -17.19 -17.05 -5.32
C PRO C 9 -17.03 -15.89 -6.28
N THR C 10 -17.77 -15.96 -7.38
CA THR C 10 -17.84 -14.95 -8.42
C THR C 10 -19.30 -14.61 -8.68
N PRO C 11 -19.58 -13.46 -9.29
CA PRO C 11 -20.98 -13.13 -9.60
C PRO C 11 -21.67 -14.15 -10.49
N SER C 12 -20.92 -14.92 -11.26
CA SER C 12 -21.48 -15.98 -12.09
C SER C 12 -21.47 -17.34 -11.42
N GLY C 13 -20.74 -17.50 -10.31
CA GLY C 13 -20.67 -18.80 -9.67
C GLY C 13 -19.44 -19.04 -8.83
N TRP C 14 -18.59 -19.98 -9.23
CA TRP C 14 -17.40 -20.32 -8.48
C TRP C 14 -16.22 -20.44 -9.42
N THR C 15 -15.05 -20.05 -8.93
CA THR C 15 -13.78 -20.30 -9.59
C THR C 15 -12.80 -20.76 -8.52
N THR C 16 -11.52 -20.85 -8.86
CA THR C 16 -10.48 -21.13 -7.87
C THR C 16 -9.37 -20.09 -7.99
N MET C 17 -8.53 -20.03 -6.95
CA MET C 17 -7.39 -19.14 -6.99
C MET C 17 -6.48 -19.45 -8.17
N GLY C 18 -6.42 -20.73 -8.58
CA GLY C 18 -5.60 -21.10 -9.71
C GLY C 18 -6.14 -20.62 -11.05
N ASP C 19 -7.45 -20.41 -11.16
CA ASP C 19 -8.08 -20.09 -12.43
C ASP C 19 -8.38 -18.60 -12.62
N VAL C 20 -8.52 -17.83 -11.55
CA VAL C 20 -8.92 -16.42 -11.68
C VAL C 20 -7.83 -15.65 -12.41
N ALA C 21 -8.23 -14.67 -13.22
CA ALA C 21 -7.31 -13.91 -14.06
C ALA C 21 -7.55 -12.42 -13.86
N VAL C 22 -6.54 -11.63 -14.21
CA VAL C 22 -6.68 -10.18 -14.22
C VAL C 22 -7.79 -9.80 -15.19
N GLY C 23 -8.76 -9.01 -14.70
CA GLY C 23 -9.94 -8.66 -15.45
C GLY C 23 -11.18 -9.39 -15.00
N ASP C 24 -11.03 -10.59 -14.44
CA ASP C 24 -12.17 -11.32 -13.90
C ASP C 24 -12.74 -10.59 -12.69
N HIS C 25 -13.88 -11.06 -12.21
CA HIS C 25 -14.57 -10.44 -11.09
C HIS C 25 -14.73 -11.45 -9.96
N LEU C 26 -14.41 -11.02 -8.74
CA LEU C 26 -14.68 -11.75 -7.52
C LEU C 26 -15.79 -11.03 -6.75
N LEU C 27 -15.98 -11.40 -5.49
CA LEU C 27 -17.01 -10.82 -4.63
C LEU C 27 -16.36 -10.06 -3.49
N GLY C 28 -16.66 -8.77 -3.40
CA GLY C 28 -16.13 -7.92 -2.36
C GLY C 28 -16.75 -8.18 -1.00
N PRO C 29 -16.46 -7.32 -0.03
CA PRO C 29 -16.97 -7.56 1.33
C PRO C 29 -18.47 -7.45 1.46
N ASP C 30 -19.16 -6.87 0.48
CA ASP C 30 -20.62 -6.73 0.51
C ASP C 30 -21.33 -7.65 -0.47
N GLY C 31 -20.62 -8.52 -1.17
CA GLY C 31 -21.23 -9.42 -2.13
C GLY C 31 -21.33 -8.88 -3.54
N GLU C 32 -21.04 -7.61 -3.76
CA GLU C 32 -21.11 -7.02 -5.09
C GLU C 32 -19.81 -7.28 -5.85
N PRO C 33 -19.88 -7.43 -7.17
CA PRO C 33 -18.67 -7.72 -7.96
C PRO C 33 -17.54 -6.75 -7.66
N THR C 34 -16.31 -7.27 -7.73
CA THR C 34 -15.10 -6.47 -7.63
C THR C 34 -14.09 -6.97 -8.66
N ARG C 35 -13.43 -6.05 -9.34
CA ARG C 35 -12.56 -6.43 -10.43
C ARG C 35 -11.17 -6.79 -9.93
N VAL C 36 -10.63 -7.88 -10.47
CA VAL C 36 -9.25 -8.30 -10.23
C VAL C 36 -8.35 -7.44 -11.10
N VAL C 37 -7.47 -6.64 -10.46
CA VAL C 37 -6.62 -5.70 -11.19
C VAL C 37 -5.16 -6.17 -11.28
N ALA C 38 -4.75 -7.13 -10.46
CA ALA C 38 -3.39 -7.61 -10.52
C ALA C 38 -3.33 -9.00 -9.89
N ASP C 39 -2.29 -9.75 -10.26
CA ASP C 39 -2.10 -11.08 -9.69
C ASP C 39 -0.61 -11.35 -9.53
N THR C 40 -0.29 -12.37 -8.75
CA THR C 40 1.05 -12.92 -8.72
C THR C 40 1.10 -14.18 -9.57
N ASP C 41 2.31 -14.56 -9.95
CA ASP C 41 2.50 -15.91 -10.45
C ASP C 41 2.21 -16.92 -9.32
N VAL C 42 2.24 -18.20 -9.68
CA VAL C 42 2.23 -19.25 -8.67
C VAL C 42 3.54 -19.20 -7.91
N MET C 43 3.45 -19.24 -6.57
CA MET C 43 4.62 -19.26 -5.71
C MET C 43 4.77 -20.65 -5.10
N LEU C 44 5.96 -21.23 -5.22
CA LEU C 44 6.24 -22.53 -4.62
C LEU C 44 7.12 -22.36 -3.39
N GLY C 45 7.01 -23.31 -2.47
CA GLY C 45 7.88 -23.34 -1.32
C GLY C 45 7.47 -22.46 -0.16
N ARG C 46 6.34 -21.77 -0.27
CA ARG C 46 5.90 -20.89 0.82
C ARG C 46 5.43 -21.73 2.01
N PRO C 47 5.71 -21.30 3.23
CA PRO C 47 5.18 -22.01 4.42
C PRO C 47 3.68 -21.79 4.51
N CYS C 48 2.95 -22.88 4.77
CA CYS C 48 1.51 -22.86 4.68
C CYS C 48 0.86 -23.27 5.99
N TYR C 49 -0.38 -22.81 6.16
CA TYR C 49 -1.22 -23.09 7.30
C TYR C 49 -2.62 -23.40 6.79
N VAL C 50 -3.37 -24.13 7.59
CA VAL C 50 -4.81 -24.26 7.42
C VAL C 50 -5.50 -23.38 8.45
N VAL C 51 -6.45 -22.59 8.00
CA VAL C 51 -7.30 -21.79 8.88
C VAL C 51 -8.69 -22.42 8.84
N GLU C 52 -9.20 -22.77 10.02
CA GLU C 52 -10.53 -23.36 10.15
C GLU C 52 -11.44 -22.35 10.83
N PHE C 53 -12.66 -22.22 10.31
CA PHE C 53 -13.60 -21.20 10.75
C PHE C 53 -14.79 -21.84 11.44
N SER C 54 -15.57 -21.00 12.12
CA SER C 54 -16.68 -21.48 12.93
C SER C 54 -17.85 -21.97 12.09
N ASP C 55 -17.88 -21.67 10.79
CA ASP C 55 -18.95 -22.16 9.92
C ASP C 55 -18.65 -23.54 9.34
N GLY C 56 -17.59 -24.19 9.81
CA GLY C 56 -17.23 -25.51 9.31
C GLY C 56 -16.31 -25.53 8.11
N THR C 57 -15.89 -24.38 7.61
CA THR C 57 -15.07 -24.29 6.41
C THR C 57 -13.61 -24.05 6.79
N ALA C 58 -12.73 -24.18 5.79
CA ALA C 58 -11.30 -24.02 5.98
C ALA C 58 -10.66 -23.50 4.71
N ILE C 59 -9.56 -22.75 4.88
CA ILE C 59 -8.79 -22.18 3.78
C ILE C 59 -7.32 -22.42 4.08
N VAL C 60 -6.58 -22.91 3.09
CA VAL C 60 -5.13 -23.08 3.22
C VAL C 60 -4.45 -21.85 2.63
N ALA C 61 -3.64 -21.19 3.45
CA ALA C 61 -2.99 -19.93 3.06
C ALA C 61 -1.55 -19.95 3.55
N ASP C 62 -0.70 -19.14 2.92
CA ASP C 62 0.67 -19.12 3.39
C ASP C 62 0.82 -18.16 4.57
N ALA C 63 2.01 -18.12 5.15
CA ALA C 63 2.22 -17.44 6.42
C ALA C 63 1.95 -15.94 6.33
N GLN C 64 2.20 -15.33 5.18
CA GLN C 64 2.15 -13.89 5.05
C GLN C 64 0.84 -13.38 4.45
N HIS C 65 -0.10 -14.27 4.15
CA HIS C 65 -1.42 -13.84 3.71
C HIS C 65 -2.09 -13.04 4.81
N GLN C 66 -2.81 -11.99 4.42
CA GLN C 66 -3.39 -11.03 5.35
C GLN C 66 -4.89 -11.25 5.52
N TRP C 67 -5.37 -11.05 6.75
CA TRP C 67 -6.74 -11.25 7.13
C TRP C 67 -7.26 -10.03 7.88
N PRO C 68 -8.50 -9.61 7.60
CA PRO C 68 -9.11 -8.50 8.36
C PRO C 68 -9.74 -9.03 9.63
N THR C 69 -9.20 -8.62 10.77
CA THR C 69 -9.72 -9.01 12.08
C THR C 69 -10.18 -7.77 12.83
N GLU C 70 -10.83 -8.01 13.97
CA GLU C 70 -11.25 -6.92 14.84
C GLU C 70 -10.06 -6.09 15.32
N HIS C 71 -8.88 -6.67 15.38
CA HIS C 71 -7.68 -5.96 15.79
C HIS C 71 -6.95 -5.32 14.61
N GLY C 72 -7.54 -5.37 13.42
CA GLY C 72 -6.85 -4.98 12.22
C GLY C 72 -6.38 -6.20 11.45
N VAL C 73 -5.52 -5.95 10.49
CA VAL C 73 -5.03 -7.02 9.64
C VAL C 73 -4.01 -7.85 10.40
N ARG C 74 -4.06 -9.16 10.18
CA ARG C 74 -3.14 -10.12 10.78
C ARG C 74 -2.70 -11.07 9.69
N ILE C 75 -1.40 -11.35 9.63
CA ILE C 75 -0.96 -12.41 8.73
C ILE C 75 -1.35 -13.76 9.33
N THR C 76 -1.42 -14.77 8.46
CA THR C 76 -1.84 -16.09 8.88
C THR C 76 -1.07 -16.55 10.11
N ALA C 77 0.25 -16.41 10.07
CA ALA C 77 1.10 -16.87 11.17
C ALA C 77 0.81 -16.14 12.47
N ASN C 78 0.07 -15.04 12.44
CA ASN C 78 -0.30 -14.32 13.65
C ASN C 78 -1.77 -14.47 14.00
N LEU C 79 -2.50 -15.37 13.34
CA LEU C 79 -3.90 -15.60 13.66
C LEU C 79 -4.00 -16.47 14.90
N ARG C 80 -4.98 -16.17 15.75
CA ARG C 80 -5.22 -16.94 16.95
C ARG C 80 -6.67 -17.40 16.98
N ALA C 81 -6.88 -18.59 17.53
CA ALA C 81 -8.24 -19.10 17.71
C ALA C 81 -9.04 -18.13 18.57
N GLY C 82 -10.27 -17.84 18.14
CA GLY C 82 -11.13 -16.88 18.79
C GLY C 82 -11.29 -15.58 18.02
N MET C 83 -10.33 -15.25 17.15
CA MET C 83 -10.45 -14.06 16.34
C MET C 83 -11.60 -14.20 15.34
N HIS C 84 -12.05 -13.06 14.82
CA HIS C 84 -13.13 -13.00 13.86
C HIS C 84 -12.69 -12.25 12.62
N THR C 85 -13.19 -12.69 11.47
CA THR C 85 -12.94 -12.00 10.21
C THR C 85 -14.08 -11.02 9.95
N VAL C 86 -13.76 -9.73 9.94
CA VAL C 86 -14.76 -8.68 9.89
C VAL C 86 -14.56 -7.84 8.63
N VAL C 87 -15.56 -7.03 8.32
CA VAL C 87 -15.52 -6.13 7.17
C VAL C 87 -15.69 -4.69 7.62
N ALA C 102 -18.00 -11.55 11.86
CA ALA C 102 -19.02 -12.42 11.31
C ALA C 102 -18.71 -13.88 11.62
N VAL C 103 -17.54 -14.35 11.19
CA VAL C 103 -17.10 -15.72 11.40
C VAL C 103 -15.89 -15.71 12.32
N GLN C 104 -15.78 -16.76 13.13
CA GLN C 104 -14.74 -16.87 14.15
C GLN C 104 -13.75 -17.96 13.76
N ILE C 105 -12.47 -17.67 13.96
CA ILE C 105 -11.41 -18.65 13.68
C ILE C 105 -11.33 -19.62 14.84
N THR C 106 -11.47 -20.92 14.54
CA THR C 106 -11.47 -21.95 15.57
C THR C 106 -10.16 -22.72 15.66
N ALA C 107 -9.32 -22.67 14.63
CA ALA C 107 -8.05 -23.39 14.66
C ALA C 107 -7.16 -22.90 13.52
N VAL C 108 -5.86 -22.85 13.80
CA VAL C 108 -4.83 -22.57 12.81
C VAL C 108 -3.73 -23.60 12.99
N ARG C 109 -3.35 -24.28 11.91
CA ARG C 109 -2.36 -25.35 11.99
C ARG C 109 -1.45 -25.30 10.77
N ARG C 110 -0.22 -25.77 10.97
CA ARG C 110 0.75 -25.82 9.89
C ARG C 110 0.42 -26.95 8.91
N ARG C 111 0.60 -26.67 7.63
CA ARG C 111 0.44 -27.66 6.57
C ARG C 111 1.71 -27.75 5.75
N PRO C 112 2.02 -28.91 5.16
CA PRO C 112 3.11 -28.95 4.19
C PRO C 112 2.87 -27.96 3.06
N SER C 113 3.97 -27.44 2.51
CA SER C 113 3.85 -26.37 1.52
C SER C 113 3.13 -26.84 0.27
N VAL C 114 2.23 -26.00 -0.23
CA VAL C 114 1.54 -26.24 -1.49
C VAL C 114 1.62 -24.96 -2.32
N PRO C 115 1.53 -25.07 -3.65
CA PRO C 115 1.54 -23.86 -4.49
C PRO C 115 0.46 -22.88 -4.08
N VAL C 116 0.79 -21.59 -4.06
CA VAL C 116 -0.15 -20.55 -3.65
C VAL C 116 -0.05 -19.39 -4.64
N ARG C 117 -1.03 -18.50 -4.57
CA ARG C 117 -1.14 -17.37 -5.47
C ARG C 117 -1.98 -16.30 -4.79
N CYS C 118 -1.78 -15.04 -5.19
CA CYS C 118 -2.56 -13.94 -4.65
C CYS C 118 -3.00 -13.01 -5.79
N VAL C 119 -4.11 -12.30 -5.56
CA VAL C 119 -4.64 -11.32 -6.50
C VAL C 119 -5.00 -10.06 -5.72
N GLU C 120 -5.23 -8.98 -6.45
CA GLU C 120 -5.68 -7.73 -5.87
C GLU C 120 -6.98 -7.28 -6.51
N VAL C 121 -7.92 -6.86 -5.68
CA VAL C 121 -9.22 -6.38 -6.13
C VAL C 121 -9.28 -4.86 -5.90
N ASP C 122 -10.26 -4.23 -6.55
CA ASP C 122 -10.31 -2.77 -6.62
C ASP C 122 -11.38 -2.16 -5.71
N ASN C 123 -11.83 -2.88 -4.70
CA ASN C 123 -12.70 -2.21 -3.75
C ASN C 123 -11.88 -1.51 -2.68
N PRO C 124 -12.43 -0.48 -2.02
CA PRO C 124 -11.60 0.33 -1.10
C PRO C 124 -10.94 -0.47 0.01
N GLU C 125 -11.67 -1.38 0.66
CA GLU C 125 -11.08 -2.22 1.69
C GLU C 125 -10.12 -3.26 1.13
N HIS C 126 -10.10 -3.47 -0.18
CA HIS C 126 -9.22 -4.45 -0.82
C HIS C 126 -9.45 -5.85 -0.25
N LEU C 127 -10.71 -6.17 0.02
CA LEU C 127 -11.11 -7.49 0.48
C LEU C 127 -11.88 -8.22 -0.62
N TYR C 128 -11.82 -9.55 -0.58
CA TYR C 128 -12.68 -10.38 -1.39
C TYR C 128 -13.06 -11.62 -0.59
N LEU C 129 -14.16 -12.25 -0.97
CA LEU C 129 -14.61 -13.45 -0.28
C LEU C 129 -13.89 -14.68 -0.83
N ALA C 130 -13.54 -15.59 0.09
CA ALA C 130 -12.76 -16.76 -0.28
C ALA C 130 -13.27 -17.99 0.46
N GLY C 131 -12.94 -19.16 -0.07
CA GLY C 131 -13.29 -20.41 0.55
C GLY C 131 -14.73 -20.78 0.31
N PRO C 132 -15.09 -22.02 0.64
CA PRO C 132 -16.49 -22.46 0.43
C PRO C 132 -17.48 -21.73 1.31
N GLY C 133 -17.04 -21.07 2.38
CA GLY C 133 -17.90 -20.31 3.25
C GLY C 133 -17.94 -18.81 3.02
N MET C 134 -17.24 -18.31 1.99
CA MET C 134 -17.27 -16.90 1.61
C MET C 134 -16.80 -16.00 2.76
N VAL C 135 -15.59 -16.28 3.22
CA VAL C 135 -14.94 -15.57 4.32
C VAL C 135 -14.22 -14.35 3.75
N PRO C 136 -14.34 -13.17 4.36
CA PRO C 136 -13.60 -12.01 3.84
C PRO C 136 -12.10 -12.17 4.09
N THR C 137 -11.30 -11.83 3.08
CA THR C 137 -9.86 -11.90 3.19
C THR C 137 -9.26 -10.74 2.39
N HIS C 138 -8.03 -10.40 2.74
CA HIS C 138 -7.38 -9.21 2.21
C HIS C 138 -6.44 -9.56 1.06
N ASN C 139 -6.25 -8.61 0.15
CA ASN C 139 -5.33 -8.77 -0.98
C ASN C 139 -3.89 -9.02 -0.55
#